data_5ER5
#
_entry.id   5ER5
#
_cell.length_a   35.418
_cell.length_b   88.279
_cell.length_c   59.114
_cell.angle_alpha   90.000
_cell.angle_beta   90.000
_cell.angle_gamma   90.000
#
_symmetry.space_group_name_H-M   'C 2 2 21'
#
loop_
_entity.id
_entity.type
_entity.pdbx_description
1 polymer 'Protein S100-B'
2 non-polymer 'CALCIUM ION'
3 non-polymer ETHIDIUM
4 water water
#
_entity_poly.entity_id   1
_entity_poly.type   'polypeptide(L)'
_entity_poly.pdbx_seq_one_letter_code
;MSELEKAVVALIDVFHQYSGREGDKHKLKKSELKELINNELSHFLEEIKEQEVVDKVMETLDSDGDGECDFQEFMAFVAM
ITTACHEFFEHE
;
_entity_poly.pdbx_strand_id   A
#
# COMPACT_ATOMS: atom_id res chain seq x y z
N MET A 1 13.83 20.33 -2.74
CA MET A 1 12.80 19.83 -3.69
C MET A 1 11.42 20.35 -3.31
N SER A 2 10.51 20.21 -4.26
CA SER A 2 9.14 20.71 -4.14
C SER A 2 8.34 19.77 -3.25
N GLU A 3 7.14 20.21 -2.88
CA GLU A 3 6.28 19.36 -2.07
C GLU A 3 5.87 18.11 -2.85
N LEU A 4 5.66 18.24 -4.15
CA LEU A 4 5.33 17.05 -4.95
C LEU A 4 6.47 16.06 -5.00
N GLU A 5 7.70 16.55 -5.14
CA GLU A 5 8.86 15.66 -5.15
C GLU A 5 9.08 15.01 -3.80
N LYS A 6 8.85 15.75 -2.70
CA LYS A 6 8.90 15.13 -1.38
C LYS A 6 7.87 13.99 -1.28
N ALA A 7 6.70 14.18 -1.88
CA ALA A 7 5.68 13.13 -1.83
C ALA A 7 6.14 11.89 -2.61
N VAL A 8 6.68 12.10 -3.80
CA VAL A 8 7.20 10.99 -4.60
C VAL A 8 8.26 10.22 -3.81
N VAL A 9 9.20 10.95 -3.20
CA VAL A 9 10.26 10.33 -2.40
C VAL A 9 9.66 9.52 -1.25
N ALA A 10 8.67 10.09 -0.56
CA ALA A 10 8.06 9.39 0.57
C ALA A 10 7.34 8.12 0.12
N LEU A 11 6.70 8.14 -1.06
CA LEU A 11 6.03 6.95 -1.56
C LEU A 11 7.02 5.81 -1.79
N ILE A 12 8.16 6.13 -2.41
CA ILE A 12 9.20 5.14 -2.62
C ILE A 12 9.72 4.62 -1.29
N ASP A 13 9.98 5.53 -0.36
CA ASP A 13 10.56 5.13 0.93
C ASP A 13 9.62 4.22 1.71
N VAL A 14 8.34 4.59 1.81
CA VAL A 14 7.43 3.76 2.61
C VAL A 14 7.32 2.39 2.00
N PHE A 15 7.24 2.31 0.67
CA PHE A 15 7.17 1.00 0.04
C PHE A 15 8.32 0.14 0.52
N HIS A 16 9.53 0.67 0.48
CA HIS A 16 10.69 -0.13 0.86
C HIS A 16 10.74 -0.44 2.35
N GLN A 17 10.26 0.46 3.21
CA GLN A 17 10.21 0.19 4.63
C GLN A 17 9.42 -1.08 4.93
N TYR A 18 8.43 -1.38 4.10
CA TYR A 18 7.59 -2.55 4.28
C TYR A 18 7.98 -3.71 3.38
N SER A 19 8.35 -3.47 2.12
CA SER A 19 8.69 -4.56 1.22
C SER A 19 9.98 -5.24 1.66
N GLY A 20 10.90 -4.48 2.25
CA GLY A 20 12.21 -4.97 2.61
C GLY A 20 12.29 -5.67 3.95
N ARG A 21 11.15 -6.02 4.55
CA ARG A 21 11.14 -6.69 5.85
C ARG A 21 11.43 -8.18 5.69
N GLU A 22 10.72 -8.85 4.79
CA GLU A 22 10.77 -10.30 4.71
C GLU A 22 10.70 -10.76 3.27
N GLY A 23 11.25 -11.95 3.05
CA GLY A 23 11.10 -12.63 1.79
C GLY A 23 11.68 -11.79 0.67
N ASP A 24 10.92 -11.70 -0.42
CA ASP A 24 11.33 -10.85 -1.53
C ASP A 24 11.37 -9.41 -1.05
N LYS A 25 12.55 -8.80 -1.06
CA LYS A 25 12.70 -7.46 -0.50
C LYS A 25 12.15 -6.38 -1.44
N HIS A 26 11.70 -6.76 -2.63
CA HIS A 26 11.18 -5.83 -3.61
C HIS A 26 9.67 -5.85 -3.73
N LYS A 27 8.98 -6.69 -2.94
CA LYS A 27 7.53 -6.79 -3.00
C LYS A 27 6.97 -6.91 -1.59
N LEU A 28 5.69 -6.54 -1.46
CA LEU A 28 4.95 -6.66 -0.21
C LEU A 28 4.18 -7.98 -0.20
N LYS A 29 4.50 -8.84 0.75
CA LYS A 29 3.65 -9.97 1.06
C LYS A 29 2.50 -9.53 1.98
N LYS A 30 1.57 -10.44 2.25
CA LYS A 30 0.36 -10.07 2.98
C LYS A 30 0.68 -9.39 4.32
N SER A 31 1.59 -9.96 5.10
CA SER A 31 1.85 -9.38 6.42
C SER A 31 2.46 -8.00 6.31
N GLU A 32 3.32 -7.78 5.30
CA GLU A 32 3.92 -6.46 5.11
C GLU A 32 2.86 -5.44 4.70
N LEU A 33 1.96 -5.84 3.83
CA LEU A 33 0.87 -4.96 3.39
C LEU A 33 -0.06 -4.60 4.54
N LYS A 34 -0.39 -5.58 5.37
CA LYS A 34 -1.23 -5.31 6.54
C LYS A 34 -0.59 -4.26 7.45
N GLU A 35 0.70 -4.44 7.75
CA GLU A 35 1.39 -3.48 8.63
C GLU A 35 1.46 -2.11 7.99
N LEU A 36 1.70 -2.04 6.68
CA LEU A 36 1.74 -0.74 6.01
C LEU A 36 0.41 -0.02 6.18
N ILE A 37 -0.70 -0.71 5.92
CA ILE A 37 -2.00 -0.09 6.04
C ILE A 37 -2.27 0.32 7.48
N ASN A 38 -1.97 -0.55 8.44
CA ASN A 38 -2.33 -0.28 9.82
C ASN A 38 -1.46 0.81 10.43
N ASN A 39 -0.18 0.85 10.07
CA ASN A 39 0.72 1.84 10.66
C ASN A 39 0.69 3.17 9.92
N GLU A 40 0.51 3.15 8.60
CA GLU A 40 0.74 4.32 7.78
C GLU A 40 -0.52 4.94 7.19
N LEU A 41 -1.67 4.25 7.25
CA LEU A 41 -2.91 4.78 6.64
C LEU A 41 -4.05 4.82 7.65
N SER A 42 -3.75 5.03 8.92
CA SER A 42 -4.77 4.95 9.96
C SER A 42 -5.83 6.04 9.85
N HIS A 43 -5.55 7.15 9.17
CA HIS A 43 -6.56 8.20 8.98
C HIS A 43 -7.41 8.01 7.73
N PHE A 44 -7.01 7.09 6.84
CA PHE A 44 -7.68 6.90 5.56
C PHE A 44 -8.36 5.55 5.40
N LEU A 45 -7.88 4.51 6.10
CA LEU A 45 -8.40 3.16 5.95
C LEU A 45 -8.65 2.56 7.33
N GLU A 46 -9.72 1.80 7.45
CA GLU A 46 -10.01 1.09 8.69
C GLU A 46 -8.88 0.12 9.02
N GLU A 47 -8.54 0.05 10.30
CA GLU A 47 -7.53 -0.90 10.75
C GLU A 47 -7.92 -2.32 10.36
N ILE A 48 -6.94 -3.10 9.93
CA ILE A 48 -7.15 -4.49 9.54
C ILE A 48 -6.86 -5.38 10.74
N LYS A 49 -7.86 -6.16 11.16
CA LYS A 49 -7.74 -7.07 12.30
C LYS A 49 -8.15 -8.48 11.95
N GLU A 50 -8.43 -8.79 10.69
CA GLU A 50 -8.89 -10.11 10.29
C GLU A 50 -8.15 -10.55 9.03
N GLN A 51 -7.74 -11.83 9.02
CA GLN A 51 -7.10 -12.40 7.84
C GLN A 51 -7.94 -12.19 6.58
N GLU A 52 -9.26 -12.29 6.68
CA GLU A 52 -10.06 -12.22 5.47
C GLU A 52 -9.93 -10.85 4.80
N VAL A 53 -9.74 -9.79 5.60
CA VAL A 53 -9.59 -8.45 5.04
C VAL A 53 -8.22 -8.30 4.37
N VAL A 54 -7.15 -8.76 5.03
CA VAL A 54 -5.82 -8.82 4.41
C VAL A 54 -5.91 -9.51 3.06
N ASP A 55 -6.54 -10.68 3.05
CA ASP A 55 -6.59 -11.47 1.83
C ASP A 55 -7.31 -10.71 0.72
N LYS A 56 -8.43 -10.08 1.06
CA LYS A 56 -9.22 -9.39 0.05
C LYS A 56 -8.48 -8.19 -0.51
N VAL A 57 -7.79 -7.43 0.35
CA VAL A 57 -7.04 -6.28 -0.16
C VAL A 57 -5.95 -6.75 -1.11
N MET A 58 -5.20 -7.79 -0.73
CA MET A 58 -4.14 -8.27 -1.62
C MET A 58 -4.73 -8.77 -2.93
N GLU A 59 -5.83 -9.51 -2.86
CA GLU A 59 -6.47 -10.01 -4.08
C GLU A 59 -6.83 -8.85 -4.99
N THR A 60 -7.32 -7.77 -4.42
CA THR A 60 -7.80 -6.64 -5.22
C THR A 60 -6.64 -5.91 -5.89
N LEU A 61 -5.49 -5.79 -5.23
CA LEU A 61 -4.42 -5.00 -5.81
C LEU A 61 -3.37 -5.81 -6.56
N ASP A 62 -3.40 -7.15 -6.45
CA ASP A 62 -2.39 -8.01 -7.05
C ASP A 62 -2.76 -8.27 -8.51
N SER A 63 -2.47 -7.26 -9.34
CA SER A 63 -2.91 -7.28 -10.73
C SER A 63 -2.27 -8.41 -11.52
N ASP A 64 -1.02 -8.75 -11.23
CA ASP A 64 -0.33 -9.78 -12.01
C ASP A 64 -0.48 -11.18 -11.42
N GLY A 65 -1.13 -11.32 -10.27
CA GLY A 65 -1.52 -12.62 -9.76
C GLY A 65 -0.44 -13.39 -9.04
N ASP A 66 0.71 -12.78 -8.76
CA ASP A 66 1.83 -13.51 -8.15
C ASP A 66 1.76 -13.58 -6.64
N GLY A 67 0.68 -13.08 -6.03
CA GLY A 67 0.48 -13.18 -4.60
C GLY A 67 1.16 -12.11 -3.78
N GLU A 68 1.87 -11.18 -4.42
CA GLU A 68 2.49 -10.08 -3.69
C GLU A 68 2.18 -8.78 -4.41
N CYS A 69 2.43 -7.67 -3.72
CA CYS A 69 2.23 -6.34 -4.29
C CYS A 69 3.58 -5.74 -4.64
N ASP A 70 3.86 -5.58 -5.94
CA ASP A 70 5.10 -4.94 -6.37
C ASP A 70 4.93 -3.41 -6.38
N PHE A 71 5.97 -2.70 -6.80
CA PHE A 71 5.92 -1.25 -6.68
C PHE A 71 4.85 -0.63 -7.56
N GLN A 72 4.72 -1.10 -8.79
CA GLN A 72 3.70 -0.56 -9.67
C GLN A 72 2.30 -0.82 -9.10
N GLU A 73 2.08 -2.01 -8.55
CA GLU A 73 0.79 -2.31 -7.93
C GLU A 73 0.55 -1.45 -6.70
N PHE A 74 1.61 -1.17 -5.94
CA PHE A 74 1.49 -0.28 -4.79
C PHE A 74 1.09 1.12 -5.23
N MET A 75 1.72 1.64 -6.30
CA MET A 75 1.37 2.98 -6.77
C MET A 75 -0.06 3.03 -7.28
N ALA A 76 -0.56 1.95 -7.89
CA ALA A 76 -1.98 1.91 -8.26
C ALA A 76 -2.87 1.95 -7.02
N PHE A 77 -2.46 1.25 -5.95
CA PHE A 77 -3.18 1.29 -4.68
C PHE A 77 -3.20 2.70 -4.10
N VAL A 78 -2.04 3.37 -4.09
CA VAL A 78 -1.98 4.76 -3.61
C VAL A 78 -2.90 5.64 -4.44
N ALA A 79 -2.87 5.48 -5.76
CA ALA A 79 -3.75 6.29 -6.60
C ALA A 79 -5.21 6.02 -6.26
N MET A 80 -5.56 4.77 -6.01
CA MET A 80 -6.93 4.43 -5.67
C MET A 80 -7.35 5.06 -4.34
N ILE A 81 -6.49 4.97 -3.32
CA ILE A 81 -6.78 5.55 -2.00
C ILE A 81 -6.91 7.06 -2.11
N THR A 82 -6.00 7.68 -2.85
CA THR A 82 -5.99 9.13 -2.94
C THR A 82 -7.22 9.61 -3.69
N THR A 83 -7.56 8.94 -4.79
CA THR A 83 -8.74 9.31 -5.56
C THR A 83 -10.01 9.10 -4.72
N ALA A 84 -10.07 8.02 -3.93
CA ALA A 84 -11.24 7.81 -3.09
C ALA A 84 -11.37 8.91 -2.04
N CYS A 85 -10.26 9.35 -1.47
CA CYS A 85 -10.34 10.45 -0.51
C CYS A 85 -10.85 11.70 -1.20
N HIS A 86 -10.28 12.01 -2.36
CA HIS A 86 -10.69 13.21 -3.09
C HIS A 86 -12.17 13.17 -3.40
N GLU A 87 -12.67 12.03 -3.84
CA GLU A 87 -14.08 11.90 -4.20
C GLU A 87 -15.00 12.02 -2.98
N PHE A 88 -14.53 11.59 -1.81
CA PHE A 88 -15.32 11.78 -0.59
C PHE A 88 -15.60 13.25 -0.36
N PHE A 89 -14.62 14.11 -0.64
CA PHE A 89 -14.74 15.54 -0.42
C PHE A 89 -15.21 16.31 -1.64
N GLU A 90 -15.09 15.74 -2.83
CA GLU A 90 -15.29 16.50 -4.07
C GLU A 90 -15.92 15.59 -5.12
#